data_6MJM
#
_entry.id   6MJM
#
_cell.length_a   75.670
_cell.length_b   100.690
_cell.length_c   136.020
_cell.angle_alpha   90.00
_cell.angle_beta   90.00
_cell.angle_gamma   90.00
#
_symmetry.space_group_name_H-M   'I 2 2 2'
#
loop_
_entity.id
_entity.type
_entity.pdbx_description
1 polymer 'Cytochrome P450 3A5'
2 non-polymer 'PROTOPORPHYRIN IX CONTAINING FE'
3 non-polymer GLYCEROL
4 water water
#
_entity_poly.entity_id   1
_entity_poly.type   'polypeptide(L)'
_entity_poly.pdbx_seq_one_letter_code
;MALYGTRTHGLFKRLGIPGPTPLPLLGNVLSYRQGLWKFDTECYKKYGKMWGTYEGQLPVLAITDPDVIRTVLVKECYSV
FTNRRSLGPVGFMKSAISLAEDEEWKRIRSLLSPTFTSGKLKEMFPIIAQYGDVLVRNLRREAEKGKPVTLKDIFGAYSM
DVITGTSFGVNIDSLNNPQDPFVESTKKFLKFGFLDPLFLSIILFPFLTPVFEALNVSLFPKDTINFLSKSVNRMKKSRL
NDKQKHRLDFLQLMIDSQNSKETESHKALSDLELAAQSIIFIFAGYETTSSVLSFTLYELATHPDVQQKLQKEIDAVLPN
KAPPTYDAVVQMEYLDMVVNETLRLFPVAIRLERTCKKDVEINGVFIPKGSMVVIPTYALHHDPKYWTEPEEFRPERFSK
KKDSIDPYIYTPFGTGPRNCIGMRFALMNMKLALIRVLQNFSFKPCKETQIPLKLDTQGLLQPEKPIVLKVDSRDGHHHH
;
_entity_poly.pdbx_strand_id   A
#
loop_
_chem_comp.id
_chem_comp.type
_chem_comp.name
_chem_comp.formula
GOL non-polymer GLYCEROL 'C3 H8 O3'
HEM non-polymer 'PROTOPORPHYRIN IX CONTAINING FE' 'C34 H32 Fe N4 O4'
#
# COMPACT_ATOMS: atom_id res chain seq x y z
N GLY A 5 23.73 -19.04 -15.94
CA GLY A 5 23.24 -17.97 -15.11
C GLY A 5 23.64 -18.10 -13.64
N THR A 6 24.90 -17.77 -13.36
CA THR A 6 25.45 -17.82 -11.99
C THR A 6 26.51 -16.75 -11.74
N ARG A 7 26.73 -15.81 -12.68
CA ARG A 7 27.90 -14.95 -12.63
C ARG A 7 27.95 -14.13 -11.34
N THR A 8 26.81 -13.68 -10.85
CA THR A 8 26.76 -12.88 -9.63
C THR A 8 26.50 -13.73 -8.38
N HIS A 9 26.25 -15.03 -8.52
CA HIS A 9 25.75 -15.84 -7.41
C HIS A 9 26.82 -16.16 -6.37
N GLY A 10 28.04 -15.66 -6.53
CA GLY A 10 29.05 -15.75 -5.51
C GLY A 10 29.28 -14.47 -4.73
N LEU A 11 28.49 -13.43 -5.01
CA LEU A 11 28.72 -12.12 -4.38
C LEU A 11 28.64 -12.20 -2.86
N PHE A 12 27.49 -12.61 -2.32
CA PHE A 12 27.33 -12.60 -0.87
C PHE A 12 28.24 -13.62 -0.20
N LYS A 13 28.38 -14.81 -0.81
CA LYS A 13 29.37 -15.77 -0.36
C LYS A 13 30.73 -15.10 -0.19
N ARG A 14 31.14 -14.34 -1.20
CA ARG A 14 32.42 -13.62 -1.16
C ARG A 14 32.44 -12.56 -0.07
N LEU A 15 31.32 -11.89 0.17
CA LEU A 15 31.27 -10.85 1.21
C LEU A 15 31.07 -11.41 2.60
N GLY A 16 30.78 -12.71 2.73
CA GLY A 16 30.47 -13.28 4.02
C GLY A 16 29.03 -13.10 4.46
N ILE A 17 28.18 -12.52 3.62
CA ILE A 17 26.78 -12.27 4.00
C ILE A 17 26.01 -13.57 3.91
N PRO A 18 25.27 -13.96 4.95
CA PRO A 18 24.52 -15.21 4.90
C PRO A 18 23.30 -15.09 4.01
N GLY A 19 22.66 -16.23 3.77
CA GLY A 19 21.51 -16.28 2.92
C GLY A 19 21.29 -17.65 2.31
N PRO A 20 20.12 -17.85 1.72
CA PRO A 20 19.82 -19.17 1.15
C PRO A 20 20.52 -19.36 -0.18
N THR A 21 21.06 -20.55 -0.37
CA THR A 21 21.79 -20.87 -1.58
C THR A 21 20.91 -20.69 -2.80
N PRO A 22 21.28 -19.86 -3.78
CA PRO A 22 20.46 -19.67 -4.98
C PRO A 22 20.63 -20.79 -5.98
N LEU A 23 19.57 -20.99 -6.80
CA LEU A 23 19.69 -21.93 -7.91
C LEU A 23 20.16 -21.20 -9.16
N PRO A 24 20.82 -21.90 -10.08
CA PRO A 24 21.20 -21.27 -11.34
C PRO A 24 19.96 -20.72 -12.04
N LEU A 25 20.13 -19.54 -12.65
CA LEU A 25 19.10 -18.86 -13.43
C LEU A 25 17.96 -18.31 -12.57
N LEU A 26 17.36 -19.15 -11.74
CA LEU A 26 16.23 -18.72 -10.93
C LEU A 26 16.66 -17.85 -9.75
N GLY A 27 17.89 -18.01 -9.25
CA GLY A 27 18.22 -17.37 -7.98
C GLY A 27 17.42 -17.99 -6.86
N ASN A 28 16.87 -17.16 -5.97
CA ASN A 28 16.04 -17.63 -4.87
C ASN A 28 14.55 -17.44 -5.14
N VAL A 29 14.18 -17.15 -6.38
CA VAL A 29 12.82 -16.74 -6.71
C VAL A 29 11.80 -17.80 -6.35
N LEU A 30 12.18 -19.08 -6.39
CA LEU A 30 11.23 -20.12 -6.03
C LEU A 30 10.76 -19.98 -4.58
N SER A 31 11.55 -19.34 -3.72
CA SER A 31 11.13 -19.15 -2.34
C SER A 31 10.11 -18.04 -2.20
N TYR A 32 9.76 -17.35 -3.29
CA TYR A 32 8.69 -16.36 -3.23
C TYR A 32 7.32 -17.01 -3.20
N ARG A 33 7.19 -18.25 -3.69
CA ARG A 33 5.87 -18.83 -3.94
C ARG A 33 5.04 -18.95 -2.68
N GLN A 34 5.68 -19.00 -1.49
CA GLN A 34 4.98 -19.00 -0.23
C GLN A 34 4.58 -17.61 0.23
N GLY A 35 4.92 -16.57 -0.52
CA GLY A 35 4.71 -15.21 -0.06
C GLY A 35 5.96 -14.50 0.40
N LEU A 36 6.17 -13.27 -0.09
CA LEU A 36 7.34 -12.50 0.31
C LEU A 36 7.34 -12.20 1.79
N TRP A 37 6.16 -11.96 2.37
CA TRP A 37 6.07 -11.76 3.81
C TRP A 37 6.63 -12.95 4.57
N LYS A 38 6.33 -14.17 4.11
CA LYS A 38 6.83 -15.36 4.81
C LYS A 38 8.33 -15.58 4.55
N PHE A 39 8.79 -15.33 3.33
CA PHE A 39 10.22 -15.48 3.02
C PHE A 39 11.08 -14.53 3.86
N ASP A 40 10.68 -13.25 3.94
CA ASP A 40 11.45 -12.29 4.73
C ASP A 40 11.49 -12.67 6.21
N THR A 41 10.36 -13.14 6.76
CA THR A 41 10.36 -13.50 8.17
C THR A 41 11.22 -14.74 8.42
N GLU A 42 11.15 -15.73 7.53
CA GLU A 42 11.95 -16.93 7.74
C GLU A 42 13.44 -16.64 7.53
N CYS A 43 13.77 -15.77 6.58
CA CYS A 43 15.16 -15.37 6.40
C CYS A 43 15.67 -14.61 7.61
N TYR A 44 14.90 -13.66 8.11
CA TYR A 44 15.28 -12.93 9.31
C TYR A 44 15.56 -13.90 10.45
N LYS A 45 14.64 -14.84 10.71
CA LYS A 45 14.84 -15.81 11.78
C LYS A 45 16.13 -16.60 11.57
N LYS A 46 16.42 -17.00 10.33
CA LYS A 46 17.49 -17.95 10.08
C LYS A 46 18.85 -17.27 10.01
N TYR A 47 18.94 -16.09 9.40
CA TYR A 47 20.22 -15.48 9.08
C TYR A 47 20.57 -14.24 9.90
N GLY A 48 19.60 -13.65 10.59
CA GLY A 48 19.90 -12.55 11.49
C GLY A 48 19.69 -11.17 10.92
N LYS A 49 20.61 -10.25 11.26
CA LYS A 49 20.43 -8.83 10.97
C LYS A 49 20.42 -8.54 9.47
N MET A 50 21.09 -9.36 8.67
CA MET A 50 21.35 -9.00 7.29
C MET A 50 21.56 -10.29 6.48
N TRP A 51 20.88 -10.40 5.34
CA TRP A 51 21.03 -11.60 4.52
C TRP A 51 20.96 -11.21 3.05
N GLY A 52 21.48 -12.09 2.20
CA GLY A 52 21.51 -11.85 0.76
C GLY A 52 20.75 -12.91 0.00
N THR A 53 19.99 -12.48 -1.01
CA THR A 53 19.31 -13.37 -1.94
C THR A 53 19.51 -12.85 -3.36
N TYR A 54 19.02 -13.61 -4.33
CA TYR A 54 19.19 -13.29 -5.74
C TYR A 54 17.85 -13.41 -6.44
N GLU A 55 17.47 -12.37 -7.16
CA GLU A 55 16.30 -12.40 -8.04
C GLU A 55 16.85 -12.66 -9.43
N GLY A 56 16.83 -13.92 -9.86
CA GLY A 56 17.66 -14.27 -11.01
C GLY A 56 19.12 -14.05 -10.70
N GLN A 57 19.74 -13.11 -11.41
CA GLN A 57 21.11 -12.68 -11.17
C GLN A 57 21.20 -11.44 -10.28
N LEU A 58 20.09 -10.76 -10.04
CA LEU A 58 20.13 -9.51 -9.29
C LEU A 58 20.40 -9.77 -7.82
N PRO A 59 21.46 -9.22 -7.24
CA PRO A 59 21.68 -9.37 -5.79
C PRO A 59 20.77 -8.47 -4.98
N VAL A 60 20.27 -9.02 -3.88
CA VAL A 60 19.31 -8.34 -3.02
C VAL A 60 19.81 -8.43 -1.58
N LEU A 61 20.06 -7.27 -0.96
CA LEU A 61 20.55 -7.19 0.41
C LEU A 61 19.42 -6.71 1.32
N ALA A 62 19.03 -7.54 2.28
CA ALA A 62 18.04 -7.16 3.26
C ALA A 62 18.75 -6.64 4.52
N ILE A 63 18.18 -5.59 5.12
CA ILE A 63 18.77 -4.95 6.30
C ILE A 63 17.68 -4.75 7.34
N THR A 64 18.02 -5.01 8.60
CA THR A 64 17.05 -4.86 9.69
C THR A 64 17.53 -3.96 10.81
N ASP A 65 18.73 -3.43 10.71
CA ASP A 65 19.24 -2.56 11.75
C ASP A 65 18.63 -1.17 11.58
N PRO A 66 17.94 -0.63 12.59
CA PRO A 66 17.29 0.68 12.43
C PRO A 66 18.24 1.79 11.98
N ASP A 67 19.52 1.75 12.39
CA ASP A 67 20.46 2.78 11.96
C ASP A 67 20.81 2.64 10.49
N VAL A 68 21.03 1.41 10.02
CA VAL A 68 21.34 1.21 8.61
C VAL A 68 20.12 1.52 7.74
N ILE A 69 18.93 1.19 8.23
CA ILE A 69 17.71 1.53 7.49
C ILE A 69 17.58 3.05 7.34
N ARG A 70 17.90 3.79 8.41
CA ARG A 70 17.87 5.25 8.35
C ARG A 70 18.83 5.81 7.30
N THR A 71 20.06 5.28 7.24
CA THR A 71 21.00 5.71 6.22
C THR A 71 20.43 5.48 4.82
N VAL A 72 19.80 4.33 4.61
CA VAL A 72 19.32 3.98 3.28
C VAL A 72 18.09 4.81 2.91
N LEU A 73 17.13 4.93 3.84
CA LEU A 73 15.86 5.58 3.51
C LEU A 73 15.90 7.09 3.63
N VAL A 74 16.82 7.65 4.42
CA VAL A 74 16.84 9.10 4.62
C VAL A 74 18.19 9.70 4.21
N LYS A 75 19.27 9.29 4.90
CA LYS A 75 20.54 10.01 4.77
C LYS A 75 21.05 10.00 3.33
N GLU A 76 21.08 8.83 2.70
CA GLU A 76 21.65 8.70 1.37
C GLU A 76 20.58 8.45 0.31
N CYS A 77 19.36 8.93 0.55
CA CYS A 77 18.28 8.76 -0.43
C CYS A 77 18.63 9.46 -1.73
N TYR A 78 19.06 10.71 -1.66
CA TYR A 78 19.37 11.47 -2.87
C TYR A 78 20.68 11.02 -3.53
N SER A 79 21.65 10.58 -2.74
CA SER A 79 22.97 10.28 -3.27
C SER A 79 23.12 8.87 -3.81
N VAL A 80 22.40 7.89 -3.25
CA VAL A 80 22.60 6.50 -3.63
C VAL A 80 21.27 5.78 -3.85
N PHE A 81 20.41 5.80 -2.85
CA PHE A 81 19.20 4.96 -2.86
C PHE A 81 17.97 5.78 -3.25
N THR A 82 18.01 6.31 -4.48
CA THR A 82 16.99 7.24 -4.94
C THR A 82 15.78 6.56 -5.56
N ASN A 83 15.99 5.40 -6.18
CA ASN A 83 14.93 4.73 -6.92
C ASN A 83 14.66 3.37 -6.30
N ARG A 84 13.51 2.81 -6.66
CA ARG A 84 13.09 1.49 -6.20
C ARG A 84 13.55 0.42 -7.18
N ARG A 85 12.71 -0.58 -7.36
CA ARG A 85 13.01 -1.67 -8.28
C ARG A 85 13.21 -1.11 -9.69
N SER A 86 14.19 -1.68 -10.41
CA SER A 86 14.44 -1.27 -11.78
C SER A 86 13.18 -1.38 -12.62
N LEU A 87 13.00 -0.43 -13.54
CA LEU A 87 11.72 -0.22 -14.19
C LEU A 87 11.40 -1.32 -15.18
N GLY A 88 10.20 -1.90 -15.06
CA GLY A 88 9.67 -2.79 -16.07
C GLY A 88 9.11 -2.03 -17.25
N PRO A 89 8.65 -2.77 -18.27
CA PRO A 89 8.07 -2.11 -19.46
C PRO A 89 6.71 -1.53 -19.10
N VAL A 90 6.59 -0.21 -19.20
CA VAL A 90 5.41 0.48 -18.68
C VAL A 90 4.97 1.61 -19.62
N GLY A 91 5.70 1.81 -20.71
CA GLY A 91 5.32 2.86 -21.65
C GLY A 91 5.44 4.24 -21.03
N PHE A 92 4.50 5.13 -21.37
CA PHE A 92 4.53 6.48 -20.83
C PHE A 92 4.27 6.53 -19.33
N MET A 93 3.83 5.43 -18.71
CA MET A 93 3.65 5.44 -17.27
C MET A 93 4.97 5.58 -16.53
N LYS A 94 6.11 5.52 -17.22
CA LYS A 94 7.37 5.79 -16.55
C LYS A 94 7.40 7.19 -15.92
N SER A 95 6.52 8.10 -16.35
CA SER A 95 6.44 9.44 -15.78
C SER A 95 5.65 9.51 -14.47
N ALA A 96 4.92 8.45 -14.12
CA ALA A 96 4.26 8.39 -12.83
C ALA A 96 5.27 8.58 -11.71
N ILE A 97 4.87 9.31 -10.66
CA ILE A 97 5.83 9.66 -9.63
C ILE A 97 6.45 8.42 -9.01
N SER A 98 5.67 7.35 -8.85
CA SER A 98 6.21 6.17 -8.18
C SER A 98 7.16 5.38 -9.07
N LEU A 99 7.14 5.61 -10.38
CA LEU A 99 8.02 4.92 -11.31
C LEU A 99 9.14 5.80 -11.86
N ALA A 100 9.00 7.12 -11.77
CA ALA A 100 10.03 8.03 -12.22
C ALA A 100 11.29 7.90 -11.36
N GLU A 101 12.41 8.34 -11.90
CA GLU A 101 13.71 8.13 -11.28
C GLU A 101 14.54 9.40 -11.27
N ASP A 102 15.39 9.50 -10.24
CA ASP A 102 16.50 10.46 -10.17
C ASP A 102 15.96 11.88 -10.31
N GLU A 103 16.48 12.69 -11.24
CA GLU A 103 16.08 14.08 -11.33
C GLU A 103 14.62 14.23 -11.72
N GLU A 104 14.13 13.33 -12.59
CA GLU A 104 12.73 13.41 -12.98
C GLU A 104 11.81 13.14 -11.79
N TRP A 105 12.14 12.14 -10.96
CA TRP A 105 11.35 11.90 -9.75
C TRP A 105 11.35 13.13 -8.85
N LYS A 106 12.54 13.71 -8.60
CA LYS A 106 12.64 14.85 -7.71
C LYS A 106 11.75 16.00 -8.18
N ARG A 107 11.65 16.21 -9.49
CA ARG A 107 10.82 17.28 -10.01
C ARG A 107 9.34 16.96 -9.85
N ILE A 108 8.94 15.74 -10.23
CA ILE A 108 7.53 15.37 -10.17
C ILE A 108 7.06 15.35 -8.72
N ARG A 109 7.83 14.73 -7.84
CA ARG A 109 7.52 14.74 -6.41
C ARG A 109 7.34 16.16 -5.90
N SER A 110 8.17 17.10 -6.39
CA SER A 110 8.10 18.48 -5.92
C SER A 110 6.87 19.20 -6.45
N LEU A 111 6.48 18.92 -7.70
CA LEU A 111 5.30 19.56 -8.25
C LEU A 111 4.01 19.06 -7.59
N LEU A 112 4.00 17.80 -7.14
CA LEU A 112 2.81 17.21 -6.54
C LEU A 112 2.71 17.46 -5.04
N SER A 113 3.80 17.86 -4.38
CA SER A 113 3.79 18.08 -2.94
C SER A 113 2.68 19.02 -2.47
N PRO A 114 2.43 20.18 -3.08
CA PRO A 114 1.33 21.03 -2.60
C PRO A 114 -0.02 20.35 -2.63
N THR A 115 -0.17 19.27 -3.41
CA THR A 115 -1.43 18.56 -3.48
C THR A 115 -1.69 17.69 -2.26
N PHE A 116 -0.65 17.32 -1.49
CA PHE A 116 -0.82 16.34 -0.43
C PHE A 116 -0.47 16.87 0.95
N THR A 117 -0.50 18.19 1.13
CA THR A 117 -0.27 18.74 2.45
C THR A 117 -1.48 18.47 3.35
N SER A 118 -1.26 18.59 4.65
CA SER A 118 -2.37 18.52 5.60
C SER A 118 -3.36 19.67 5.40
N GLY A 119 -2.89 20.79 4.84
CA GLY A 119 -3.80 21.90 4.59
C GLY A 119 -4.75 21.63 3.44
N LYS A 120 -4.25 21.02 2.36
CA LYS A 120 -5.14 20.62 1.28
C LYS A 120 -6.09 19.51 1.70
N LEU A 121 -5.62 18.59 2.55
CA LEU A 121 -6.48 17.52 3.04
C LEU A 121 -7.66 18.07 3.84
N LYS A 122 -7.43 19.11 4.65
CA LYS A 122 -8.52 19.71 5.41
C LYS A 122 -9.55 20.34 4.48
N GLU A 123 -9.10 20.92 3.37
CA GLU A 123 -10.02 21.47 2.39
C GLU A 123 -10.89 20.39 1.76
N MET A 124 -10.26 19.29 1.34
CA MET A 124 -10.97 18.22 0.65
C MET A 124 -11.78 17.32 1.58
N PHE A 125 -11.76 17.58 2.89
CA PHE A 125 -12.49 16.75 3.85
C PHE A 125 -13.97 16.56 3.50
N PRO A 126 -14.75 17.60 3.17
CA PRO A 126 -16.16 17.35 2.81
C PRO A 126 -16.32 16.54 1.53
N ILE A 127 -15.42 16.71 0.56
CA ILE A 127 -15.49 15.93 -0.66
C ILE A 127 -15.24 14.45 -0.35
N ILE A 128 -14.47 14.15 0.70
CA ILE A 128 -14.20 12.77 1.06
C ILE A 128 -15.32 12.20 1.93
N ALA A 129 -15.76 12.97 2.92
CA ALA A 129 -16.75 12.49 3.88
C ALA A 129 -18.09 12.19 3.20
N GLN A 130 -18.38 12.85 2.08
CA GLN A 130 -19.65 12.61 1.40
C GLN A 130 -19.77 11.18 0.88
N TYR A 131 -18.65 10.48 0.70
CA TYR A 131 -18.74 9.08 0.29
C TYR A 131 -19.14 8.16 1.43
N GLY A 132 -19.32 8.69 2.64
CA GLY A 132 -19.77 7.88 3.74
C GLY A 132 -21.23 7.51 3.64
N ASP A 133 -22.04 8.36 3.01
CA ASP A 133 -23.47 8.08 2.87
C ASP A 133 -23.70 6.84 2.03
N VAL A 134 -23.12 6.80 0.83
CA VAL A 134 -23.24 5.63 -0.03
C VAL A 134 -22.75 4.38 0.68
N LEU A 135 -21.60 4.48 1.35
CA LEU A 135 -21.04 3.35 2.09
C LEU A 135 -22.05 2.77 3.07
N VAL A 136 -22.66 3.62 3.89
CA VAL A 136 -23.57 3.13 4.91
C VAL A 136 -24.81 2.53 4.27
N ARG A 137 -25.33 3.17 3.23
CA ARG A 137 -26.49 2.63 2.51
C ARG A 137 -26.18 1.27 1.89
N ASN A 138 -25.00 1.12 1.28
CA ASN A 138 -24.62 -0.16 0.70
C ASN A 138 -24.53 -1.23 1.76
N LEU A 139 -23.87 -0.92 2.88
CA LEU A 139 -23.67 -1.94 3.90
C LEU A 139 -24.97 -2.24 4.62
N ARG A 140 -25.87 -1.26 4.70
CA ARG A 140 -27.19 -1.48 5.28
C ARG A 140 -27.99 -2.50 4.46
N ARG A 141 -28.02 -2.32 3.14
CA ARG A 141 -28.71 -3.29 2.29
C ARG A 141 -28.16 -4.69 2.47
N GLU A 142 -26.85 -4.81 2.71
CA GLU A 142 -26.24 -6.13 2.95
C GLU A 142 -26.45 -6.59 4.39
N ALA A 143 -26.51 -5.67 5.35
CA ALA A 143 -26.69 -6.06 6.75
C ALA A 143 -28.14 -6.45 7.02
N GLU A 144 -29.09 -5.63 6.60
CA GLU A 144 -30.50 -5.98 6.69
C GLU A 144 -30.86 -7.22 5.87
N LYS A 145 -29.91 -7.78 5.10
CA LYS A 145 -30.11 -9.03 4.38
C LYS A 145 -30.04 -10.25 5.29
N GLY A 146 -29.56 -10.12 6.51
CA GLY A 146 -29.50 -11.26 7.41
C GLY A 146 -28.59 -12.38 6.94
N LYS A 147 -27.45 -12.03 6.35
CA LYS A 147 -26.49 -13.01 5.86
C LYS A 147 -25.10 -12.42 5.99
N PRO A 148 -24.07 -13.26 6.01
CA PRO A 148 -22.70 -12.74 6.11
C PRO A 148 -22.37 -11.81 4.95
N VAL A 149 -21.59 -10.77 5.25
CA VAL A 149 -21.21 -9.77 4.27
C VAL A 149 -19.77 -10.04 3.84
N THR A 150 -19.56 -10.11 2.53
CA THR A 150 -18.22 -10.18 1.97
C THR A 150 -17.64 -8.77 1.98
N LEU A 151 -16.67 -8.52 2.86
CA LEU A 151 -16.26 -7.14 3.12
C LEU A 151 -15.66 -6.48 1.88
N LYS A 152 -14.89 -7.23 1.08
CA LYS A 152 -14.11 -6.59 0.02
C LYS A 152 -15.02 -5.98 -1.04
N ASP A 153 -16.21 -6.54 -1.23
CA ASP A 153 -17.18 -5.93 -2.14
C ASP A 153 -17.58 -4.54 -1.64
N ILE A 154 -17.91 -4.45 -0.35
CA ILE A 154 -18.34 -3.17 0.22
C ILE A 154 -17.19 -2.17 0.22
N PHE A 155 -16.03 -2.56 0.77
CA PHE A 155 -14.96 -1.60 0.98
C PHE A 155 -14.02 -1.46 -0.22
N GLY A 156 -13.97 -2.45 -1.11
CA GLY A 156 -13.35 -2.20 -2.41
C GLY A 156 -14.11 -1.14 -3.18
N ALA A 157 -15.44 -1.20 -3.16
CA ALA A 157 -16.24 -0.21 -3.85
C ALA A 157 -16.07 1.17 -3.23
N TYR A 158 -16.06 1.25 -1.90
CA TYR A 158 -15.80 2.53 -1.24
C TYR A 158 -14.42 3.07 -1.60
N SER A 159 -13.39 2.22 -1.53
CA SER A 159 -12.05 2.66 -1.90
C SER A 159 -12.00 3.22 -3.32
N MET A 160 -12.61 2.50 -4.27
CA MET A 160 -12.67 3.01 -5.63
C MET A 160 -13.45 4.32 -5.69
N ASP A 161 -14.59 4.41 -5.00
CA ASP A 161 -15.41 5.60 -5.09
C ASP A 161 -14.66 6.83 -4.60
N VAL A 162 -13.97 6.71 -3.45
CA VAL A 162 -13.31 7.86 -2.86
C VAL A 162 -12.14 8.33 -3.72
N ILE A 163 -11.27 7.40 -4.13
CA ILE A 163 -10.07 7.81 -4.85
C ILE A 163 -10.43 8.39 -6.22
N THR A 164 -11.51 7.91 -6.84
CA THR A 164 -11.94 8.46 -8.12
C THR A 164 -12.65 9.79 -7.93
N GLY A 165 -13.47 9.91 -6.88
CA GLY A 165 -14.12 11.18 -6.62
C GLY A 165 -13.14 12.29 -6.29
N THR A 166 -12.18 12.00 -5.41
CA THR A 166 -11.14 12.97 -5.08
C THR A 166 -10.21 13.24 -6.26
N SER A 167 -10.17 12.35 -7.25
CA SER A 167 -9.34 12.54 -8.43
C SER A 167 -10.04 13.38 -9.50
N PHE A 168 -11.33 13.13 -9.74
CA PHE A 168 -12.01 13.71 -10.90
C PHE A 168 -13.36 14.35 -10.58
N GLY A 169 -13.84 14.26 -9.34
CA GLY A 169 -15.15 14.79 -9.02
C GLY A 169 -16.31 13.99 -9.57
N VAL A 170 -16.05 12.82 -10.13
CA VAL A 170 -17.10 11.94 -10.64
C VAL A 170 -17.51 11.00 -9.52
N ASN A 171 -18.75 11.10 -9.08
CA ASN A 171 -19.28 10.24 -8.02
C ASN A 171 -19.86 9.00 -8.68
N ILE A 172 -19.05 7.96 -8.78
CA ILE A 172 -19.50 6.65 -9.23
C ILE A 172 -19.96 5.87 -8.02
N ASP A 173 -20.99 5.05 -8.20
CA ASP A 173 -21.46 4.14 -7.16
C ASP A 173 -21.02 2.75 -7.58
N SER A 174 -19.72 2.47 -7.38
CA SER A 174 -19.10 1.24 -7.88
C SER A 174 -19.96 0.02 -7.64
N LEU A 175 -20.44 -0.15 -6.41
CA LEU A 175 -21.14 -1.37 -6.03
C LEU A 175 -22.43 -1.54 -6.84
N ASN A 176 -23.05 -0.43 -7.25
CA ASN A 176 -24.32 -0.45 -7.96
C ASN A 176 -24.18 -0.19 -9.46
N ASN A 177 -22.96 0.03 -9.95
CA ASN A 177 -22.70 0.23 -11.37
C ASN A 177 -21.53 -0.64 -11.79
N PRO A 178 -21.69 -1.97 -11.73
CA PRO A 178 -20.57 -2.86 -12.09
C PRO A 178 -20.10 -2.68 -13.52
N GLN A 179 -20.94 -2.14 -14.40
CA GLN A 179 -20.62 -1.99 -15.81
C GLN A 179 -20.28 -0.56 -16.21
N ASP A 180 -20.15 0.33 -15.24
CA ASP A 180 -19.57 1.64 -15.52
C ASP A 180 -18.16 1.46 -16.06
N PRO A 181 -17.77 2.23 -17.10
CA PRO A 181 -16.41 2.05 -17.65
C PRO A 181 -15.29 2.33 -16.66
N PHE A 182 -15.48 3.32 -15.78
CA PHE A 182 -14.47 3.56 -14.74
C PHE A 182 -14.30 2.35 -13.85
N VAL A 183 -15.40 1.71 -13.47
CA VAL A 183 -15.35 0.62 -12.51
C VAL A 183 -14.63 -0.58 -13.11
N GLU A 184 -15.09 -1.02 -14.29
CA GLU A 184 -14.51 -2.21 -14.91
C GLU A 184 -13.04 -2.01 -15.25
N SER A 185 -12.68 -0.81 -15.70
CA SER A 185 -11.28 -0.53 -16.01
C SER A 185 -10.41 -0.59 -14.76
N THR A 186 -10.87 0.03 -13.67
CA THR A 186 -10.02 0.13 -12.48
C THR A 186 -9.82 -1.23 -11.82
N LYS A 187 -10.85 -2.09 -11.84
CA LYS A 187 -10.73 -3.41 -11.26
C LYS A 187 -9.61 -4.24 -11.90
N LYS A 188 -9.20 -3.90 -13.13
CA LYS A 188 -8.07 -4.59 -13.74
C LYS A 188 -6.78 -4.39 -12.96
N PHE A 189 -6.73 -3.38 -12.09
CA PHE A 189 -5.54 -3.18 -11.28
C PHE A 189 -5.37 -4.26 -10.21
N LEU A 190 -6.43 -5.01 -9.89
CA LEU A 190 -6.34 -6.03 -8.85
C LEU A 190 -5.54 -7.22 -9.34
N LYS A 191 -4.87 -7.90 -8.41
CA LYS A 191 -3.97 -9.00 -8.74
C LYS A 191 -2.94 -8.57 -9.79
N PHE A 192 -2.26 -7.47 -9.51
CA PHE A 192 -1.35 -6.87 -10.47
C PHE A 192 -0.17 -7.79 -10.76
N GLY A 193 -0.20 -8.46 -11.91
CA GLY A 193 0.88 -9.35 -12.31
C GLY A 193 0.98 -10.65 -11.55
N PHE A 194 -0.15 -11.32 -11.36
CA PHE A 194 -0.19 -12.57 -10.61
C PHE A 194 0.09 -13.73 -11.56
N LEU A 195 1.19 -14.45 -11.31
CA LEU A 195 1.60 -15.61 -12.11
C LEU A 195 1.74 -15.29 -13.60
N ASP A 196 1.85 -14.01 -13.95
CA ASP A 196 1.97 -13.60 -15.34
C ASP A 196 3.37 -13.93 -15.84
N PRO A 197 3.51 -14.76 -16.88
CA PRO A 197 4.86 -15.05 -17.41
C PRO A 197 5.63 -13.81 -17.82
N LEU A 198 4.93 -12.70 -18.10
CA LEU A 198 5.62 -11.47 -18.47
C LEU A 198 6.35 -10.87 -17.27
N PHE A 199 5.64 -10.72 -16.15
CA PHE A 199 6.26 -10.19 -14.94
C PHE A 199 7.43 -11.05 -14.50
N LEU A 200 7.28 -12.37 -14.58
CA LEU A 200 8.34 -13.26 -14.11
C LEU A 200 9.55 -13.19 -15.02
N SER A 201 9.34 -13.15 -16.34
CA SER A 201 10.46 -13.02 -17.26
C SER A 201 11.18 -11.71 -17.06
N ILE A 202 10.47 -10.66 -16.64
CA ILE A 202 11.09 -9.39 -16.32
C ILE A 202 11.97 -9.51 -15.08
N ILE A 203 11.49 -10.24 -14.06
CA ILE A 203 12.25 -10.39 -12.83
C ILE A 203 13.52 -11.21 -13.08
N LEU A 204 13.40 -12.31 -13.81
CA LEU A 204 14.56 -13.16 -14.07
C LEU A 204 15.52 -12.52 -15.06
N PHE A 205 14.97 -11.86 -16.07
CA PHE A 205 15.75 -11.34 -17.20
C PHE A 205 15.40 -9.87 -17.39
N PRO A 206 15.92 -8.99 -16.54
CA PRO A 206 15.55 -7.58 -16.65
C PRO A 206 15.99 -6.94 -17.94
N PHE A 207 16.92 -7.55 -18.67
CA PHE A 207 17.36 -7.03 -19.96
C PHE A 207 16.30 -7.18 -21.03
N LEU A 208 15.20 -7.89 -20.74
CA LEU A 208 14.12 -7.99 -21.71
C LEU A 208 13.20 -6.78 -21.69
N THR A 209 13.27 -5.94 -20.66
CA THR A 209 12.38 -4.80 -20.54
C THR A 209 12.45 -3.87 -21.75
N PRO A 210 13.62 -3.48 -22.26
CA PRO A 210 13.65 -2.61 -23.45
C PRO A 210 13.12 -3.28 -24.70
N VAL A 211 13.14 -4.61 -24.77
CA VAL A 211 12.53 -5.31 -25.89
C VAL A 211 11.01 -5.20 -25.82
N PHE A 212 10.44 -5.42 -24.63
CA PHE A 212 9.00 -5.31 -24.48
C PHE A 212 8.51 -3.88 -24.63
N GLU A 213 9.30 -2.91 -24.20
CA GLU A 213 8.95 -1.51 -24.44
C GLU A 213 8.87 -1.21 -25.93
N ALA A 214 9.80 -1.74 -26.72
CA ALA A 214 9.78 -1.50 -28.15
C ALA A 214 8.59 -2.15 -28.84
N LEU A 215 7.94 -3.13 -28.20
CA LEU A 215 6.81 -3.84 -28.78
C LEU A 215 5.46 -3.36 -28.26
N ASN A 216 5.42 -2.26 -27.49
CA ASN A 216 4.19 -1.73 -26.90
C ASN A 216 3.58 -2.70 -25.89
N VAL A 217 4.41 -3.54 -25.28
CA VAL A 217 3.97 -4.44 -24.22
C VAL A 217 4.23 -3.77 -22.89
N SER A 218 3.19 -3.70 -22.06
CA SER A 218 3.25 -3.01 -20.78
C SER A 218 2.80 -3.97 -19.68
N LEU A 219 3.41 -3.82 -18.50
CA LEU A 219 2.94 -4.53 -17.33
C LEU A 219 1.56 -4.07 -16.88
N PHE A 220 1.13 -2.87 -17.25
CA PHE A 220 -0.19 -2.38 -16.90
C PHE A 220 -1.24 -2.94 -17.86
N PRO A 221 -2.52 -2.91 -17.47
CA PRO A 221 -3.57 -3.27 -18.45
C PRO A 221 -3.75 -2.16 -19.47
N LYS A 222 -3.39 -2.43 -20.72
CA LYS A 222 -3.37 -1.39 -21.73
C LYS A 222 -4.72 -0.71 -21.87
N ASP A 223 -5.80 -1.49 -21.87
CA ASP A 223 -7.12 -0.90 -22.08
C ASP A 223 -7.52 0.01 -20.92
N THR A 224 -7.05 -0.30 -19.71
CA THR A 224 -7.29 0.56 -18.57
C THR A 224 -6.50 1.86 -18.68
N ILE A 225 -5.22 1.77 -19.05
CA ILE A 225 -4.39 2.96 -19.20
C ILE A 225 -4.96 3.88 -20.26
N ASN A 226 -5.37 3.31 -21.39
CA ASN A 226 -5.87 4.14 -22.49
C ASN A 226 -7.18 4.81 -22.12
N PHE A 227 -8.11 4.06 -21.51
CA PHE A 227 -9.38 4.66 -21.10
C PHE A 227 -9.14 5.78 -20.10
N LEU A 228 -8.28 5.56 -19.11
CA LEU A 228 -8.06 6.57 -18.09
C LEU A 228 -7.32 7.78 -18.65
N SER A 229 -6.33 7.55 -19.51
CA SER A 229 -5.63 8.68 -20.13
C SER A 229 -6.56 9.49 -21.03
N LYS A 230 -7.38 8.81 -21.83
CA LYS A 230 -8.33 9.56 -22.66
C LYS A 230 -9.39 10.22 -21.81
N SER A 231 -9.80 9.58 -20.71
CA SER A 231 -10.78 10.19 -19.82
C SER A 231 -10.23 11.45 -19.17
N VAL A 232 -8.93 11.47 -18.86
CA VAL A 232 -8.34 12.67 -18.26
C VAL A 232 -8.39 13.84 -19.23
N ASN A 233 -8.09 13.58 -20.51
CA ASN A 233 -7.99 14.68 -21.47
C ASN A 233 -9.35 15.32 -21.76
N ARG A 234 -10.42 14.52 -21.77
CA ARG A 234 -11.73 15.09 -22.06
C ARG A 234 -12.23 15.96 -20.90
N MET A 235 -11.85 15.64 -19.66
CA MET A 235 -12.26 16.44 -18.53
C MET A 235 -11.46 17.73 -18.42
N LYS A 236 -10.18 17.70 -18.82
CA LYS A 236 -9.40 18.94 -18.85
C LYS A 236 -10.04 19.97 -19.76
N LYS A 237 -10.68 19.53 -20.84
CA LYS A 237 -11.39 20.46 -21.72
C LYS A 237 -12.50 21.18 -20.97
N SER A 238 -13.30 20.44 -20.21
CA SER A 238 -14.39 21.03 -19.46
C SER A 238 -13.88 21.87 -18.29
N ASP A 249 -10.55 18.59 -6.38
CA ASP A 249 -10.02 17.58 -7.30
C ASP A 249 -8.51 17.51 -7.24
N PHE A 250 -7.97 16.29 -7.22
CA PHE A 250 -6.56 16.10 -7.53
C PHE A 250 -6.25 16.59 -8.94
N LEU A 251 -7.10 16.25 -9.91
CA LEU A 251 -6.88 16.68 -11.28
C LEU A 251 -6.84 18.21 -11.38
N GLN A 252 -7.76 18.88 -10.70
CA GLN A 252 -7.82 20.34 -10.79
C GLN A 252 -6.57 20.97 -10.20
N LEU A 253 -6.02 20.36 -9.15
CA LEU A 253 -4.80 20.90 -8.55
C LEU A 253 -3.62 20.79 -9.51
N MET A 254 -3.57 19.71 -10.29
CA MET A 254 -2.47 19.55 -11.22
C MET A 254 -2.64 20.42 -12.45
N ILE A 255 -3.88 20.64 -12.89
CA ILE A 255 -4.12 21.54 -14.02
C ILE A 255 -3.68 22.96 -13.67
N ASP A 256 -4.05 23.43 -12.47
CA ASP A 256 -3.65 24.77 -12.04
C ASP A 256 -2.13 24.91 -11.97
N SER A 257 -1.44 23.84 -11.58
CA SER A 257 0.02 23.89 -11.47
C SER A 257 0.71 24.01 -12.82
N GLN A 258 -0.02 23.89 -13.92
CA GLN A 258 0.55 24.03 -15.25
C GLN A 258 0.64 25.50 -15.65
N LYS A 267 10.19 22.54 -15.93
CA LYS A 267 9.38 22.69 -14.73
C LYS A 267 7.92 22.35 -15.00
N ALA A 268 7.49 22.56 -16.24
CA ALA A 268 6.10 22.28 -16.61
C ALA A 268 5.76 20.82 -16.35
N LEU A 269 4.48 20.58 -16.06
CA LEU A 269 3.93 19.23 -15.93
C LEU A 269 3.19 18.93 -17.23
N SER A 270 3.82 18.16 -18.11
CA SER A 270 3.26 17.92 -19.44
C SER A 270 1.94 17.17 -19.33
N ASP A 271 1.15 17.25 -20.41
CA ASP A 271 -0.16 16.62 -20.42
C ASP A 271 -0.07 15.09 -20.40
N LEU A 272 1.08 14.52 -20.73
CA LEU A 272 1.27 13.08 -20.53
C LEU A 272 1.76 12.77 -19.13
N GLU A 273 2.63 13.61 -18.57
CA GLU A 273 3.03 13.43 -17.18
C GLU A 273 1.83 13.60 -16.25
N LEU A 274 0.96 14.58 -16.53
CA LEU A 274 -0.21 14.78 -15.69
C LEU A 274 -1.14 13.59 -15.73
N ALA A 275 -1.31 12.99 -16.92
CA ALA A 275 -2.14 11.80 -17.04
C ALA A 275 -1.53 10.64 -16.25
N ALA A 276 -0.21 10.54 -16.24
CA ALA A 276 0.44 9.47 -15.49
C ALA A 276 0.17 9.58 -13.99
N GLN A 277 0.13 10.81 -13.47
CA GLN A 277 -0.13 10.96 -12.04
C GLN A 277 -1.57 10.58 -11.71
N SER A 278 -2.54 11.10 -12.46
CA SER A 278 -3.94 10.76 -12.23
C SER A 278 -4.11 9.24 -12.16
N ILE A 279 -3.50 8.52 -13.09
CA ILE A 279 -3.62 7.07 -13.15
C ILE A 279 -2.95 6.42 -11.94
N ILE A 280 -1.76 6.89 -11.57
CA ILE A 280 -0.99 6.21 -10.53
C ILE A 280 -1.60 6.45 -9.14
N PHE A 281 -2.23 7.61 -8.92
CA PHE A 281 -2.90 7.82 -7.64
C PHE A 281 -3.99 6.78 -7.43
N ILE A 282 -4.78 6.53 -8.47
CA ILE A 282 -5.81 5.51 -8.41
C ILE A 282 -5.19 4.14 -8.20
N PHE A 283 -4.09 3.87 -8.91
CA PHE A 283 -3.42 2.58 -8.77
C PHE A 283 -2.92 2.37 -7.34
N ALA A 284 -2.30 3.40 -6.77
CA ALA A 284 -1.68 3.28 -5.45
C ALA A 284 -2.71 3.24 -4.33
N GLY A 285 -3.86 3.90 -4.50
CA GLY A 285 -4.79 4.04 -3.38
C GLY A 285 -5.94 3.05 -3.34
N TYR A 286 -6.22 2.41 -4.47
CA TYR A 286 -7.41 1.58 -4.60
C TYR A 286 -7.30 0.30 -3.77
N GLU A 287 -6.42 -0.62 -4.15
CA GLU A 287 -6.37 -1.91 -3.47
C GLU A 287 -5.80 -1.80 -2.05
N THR A 288 -4.79 -0.93 -1.85
CA THR A 288 -4.26 -0.73 -0.49
C THR A 288 -5.36 -0.36 0.50
N THR A 289 -6.08 0.73 0.24
CA THR A 289 -7.09 1.20 1.19
C THR A 289 -8.15 0.13 1.45
N SER A 290 -8.57 -0.56 0.40
CA SER A 290 -9.57 -1.61 0.52
C SER A 290 -9.10 -2.72 1.45
N SER A 291 -7.89 -3.22 1.21
CA SER A 291 -7.39 -4.36 1.98
C SER A 291 -7.22 -4.00 3.44
N VAL A 292 -6.68 -2.81 3.73
CA VAL A 292 -6.49 -2.40 5.12
C VAL A 292 -7.83 -2.28 5.84
N LEU A 293 -8.81 -1.62 5.20
CA LEU A 293 -10.14 -1.50 5.78
C LEU A 293 -10.68 -2.86 6.19
N SER A 294 -10.61 -3.83 5.27
CA SER A 294 -11.16 -5.16 5.55
C SER A 294 -10.39 -5.85 6.67
N PHE A 295 -9.05 -5.73 6.67
CA PHE A 295 -8.24 -6.23 7.78
C PHE A 295 -8.65 -5.60 9.09
N THR A 296 -8.91 -4.28 9.10
CA THR A 296 -9.32 -3.61 10.34
C THR A 296 -10.60 -4.23 10.89
N LEU A 297 -11.58 -4.43 10.03
CA LEU A 297 -12.87 -4.91 10.53
C LEU A 297 -12.80 -6.38 10.93
N TYR A 298 -11.90 -7.16 10.32
CA TYR A 298 -11.60 -8.49 10.83
C TYR A 298 -11.11 -8.42 12.27
N GLU A 299 -10.13 -7.56 12.54
CA GLU A 299 -9.60 -7.44 13.90
C GLU A 299 -10.66 -6.97 14.88
N LEU A 300 -11.55 -6.07 14.44
CA LEU A 300 -12.58 -5.60 15.37
C LEU A 300 -13.67 -6.65 15.59
N ALA A 301 -13.96 -7.46 14.57
CA ALA A 301 -14.94 -8.54 14.71
C ALA A 301 -14.42 -9.63 15.63
N THR A 302 -13.12 -9.93 15.58
CA THR A 302 -12.50 -10.94 16.43
C THR A 302 -12.04 -10.39 17.77
N HIS A 303 -12.16 -9.08 17.99
CA HIS A 303 -11.89 -8.46 19.29
C HIS A 303 -13.06 -7.55 19.62
N PRO A 304 -14.20 -8.12 20.03
CA PRO A 304 -15.36 -7.27 20.35
C PRO A 304 -15.05 -6.14 21.32
N ASP A 305 -14.24 -6.42 22.35
CA ASP A 305 -13.95 -5.40 23.36
C ASP A 305 -13.24 -4.20 22.74
N VAL A 306 -12.35 -4.44 21.79
CA VAL A 306 -11.75 -3.33 21.05
C VAL A 306 -12.81 -2.59 20.25
N GLN A 307 -13.66 -3.33 19.53
CA GLN A 307 -14.70 -2.70 18.73
C GLN A 307 -15.61 -1.85 19.61
N GLN A 308 -16.01 -2.37 20.78
CA GLN A 308 -16.94 -1.66 21.66
C GLN A 308 -16.27 -0.44 22.30
N LYS A 309 -14.98 -0.54 22.62
CA LYS A 309 -14.27 0.63 23.12
C LYS A 309 -14.19 1.72 22.06
N LEU A 310 -13.96 1.34 20.81
CA LEU A 310 -13.86 2.31 19.73
C LEU A 310 -15.21 2.98 19.47
N GLN A 311 -16.29 2.20 19.46
CA GLN A 311 -17.61 2.80 19.31
C GLN A 311 -17.92 3.74 20.47
N LYS A 312 -17.50 3.37 21.68
CA LYS A 312 -17.67 4.26 22.83
C LYS A 312 -16.96 5.59 22.59
N GLU A 313 -15.73 5.56 22.08
CA GLU A 313 -15.02 6.81 21.81
C GLU A 313 -15.69 7.60 20.69
N ILE A 314 -16.13 6.93 19.63
CA ILE A 314 -16.79 7.61 18.52
C ILE A 314 -18.05 8.31 18.99
N ASP A 315 -18.84 7.64 19.84
CA ASP A 315 -20.10 8.23 20.29
C ASP A 315 -19.86 9.35 21.27
N ALA A 316 -18.72 9.36 21.96
CA ALA A 316 -18.41 10.44 22.88
C ALA A 316 -17.93 11.69 22.18
N VAL A 317 -17.39 11.56 20.98
CA VAL A 317 -16.94 12.71 20.19
C VAL A 317 -18.06 13.26 19.32
N LEU A 318 -18.85 12.38 18.71
CA LEU A 318 -19.92 12.74 17.78
C LEU A 318 -21.24 12.20 18.32
N PRO A 319 -21.77 12.81 19.38
CA PRO A 319 -22.99 12.25 20.01
C PRO A 319 -24.14 12.18 19.03
N ASN A 320 -24.94 11.11 19.17
CA ASN A 320 -26.13 10.88 18.34
C ASN A 320 -25.79 10.81 16.86
N LYS A 321 -24.73 10.06 16.55
CA LYS A 321 -24.30 9.79 15.16
C LYS A 321 -24.06 11.08 14.38
N ALA A 322 -23.46 12.07 15.05
CA ALA A 322 -23.20 13.36 14.39
C ALA A 322 -22.24 13.16 13.22
N PRO A 323 -22.31 14.01 12.20
CA PRO A 323 -21.43 13.88 11.03
C PRO A 323 -19.99 14.18 11.41
N PRO A 324 -19.02 13.45 10.83
CA PRO A 324 -17.61 13.69 11.18
C PRO A 324 -17.11 15.04 10.67
N THR A 325 -16.35 15.72 11.52
CA THR A 325 -15.60 16.91 11.14
C THR A 325 -14.11 16.60 11.19
N TYR A 326 -13.31 17.56 10.71
CA TYR A 326 -11.87 17.31 10.56
C TYR A 326 -11.18 17.16 11.90
N ASP A 327 -11.39 18.12 12.81
CA ASP A 327 -10.72 18.05 14.10
C ASP A 327 -11.21 16.88 14.94
N ALA A 328 -12.46 16.44 14.74
CA ALA A 328 -12.96 15.27 15.46
C ALA A 328 -12.26 13.99 15.01
N VAL A 329 -12.03 13.84 13.70
CA VAL A 329 -11.31 12.66 13.22
C VAL A 329 -9.88 12.65 13.73
N VAL A 330 -9.20 13.80 13.66
CA VAL A 330 -7.79 13.88 14.03
C VAL A 330 -7.59 13.61 15.52
N GLN A 331 -8.59 13.92 16.34
CA GLN A 331 -8.46 13.83 17.79
C GLN A 331 -9.03 12.53 18.37
N MET A 332 -9.35 11.55 17.53
CA MET A 332 -9.77 10.24 18.02
C MET A 332 -8.53 9.37 18.23
N GLU A 333 -8.08 9.28 19.48
CA GLU A 333 -6.82 8.61 19.78
C GLU A 333 -6.92 7.10 19.56
N TYR A 334 -7.94 6.47 20.15
CA TYR A 334 -8.08 5.01 20.04
C TYR A 334 -8.33 4.57 18.60
N LEU A 335 -9.10 5.34 17.82
CA LEU A 335 -9.22 5.05 16.40
C LEU A 335 -7.84 5.06 15.73
N ASP A 336 -7.01 6.06 16.07
CA ASP A 336 -5.67 6.13 15.50
C ASP A 336 -4.84 4.91 15.90
N MET A 337 -4.93 4.49 17.16
CA MET A 337 -4.22 3.29 17.62
C MET A 337 -4.70 2.04 16.90
N VAL A 338 -6.01 1.95 16.65
CA VAL A 338 -6.59 0.77 15.99
C VAL A 338 -6.11 0.67 14.55
N VAL A 339 -6.12 1.79 13.83
CA VAL A 339 -5.59 1.80 12.46
C VAL A 339 -4.10 1.47 12.48
N ASN A 340 -3.34 2.04 13.42
CA ASN A 340 -1.90 1.79 13.42
C ASN A 340 -1.60 0.32 13.74
N GLU A 341 -2.31 -0.26 14.72
CA GLU A 341 -2.07 -1.66 15.05
C GLU A 341 -2.48 -2.58 13.90
N THR A 342 -3.50 -2.21 13.13
CA THR A 342 -3.86 -2.99 11.96
C THR A 342 -2.74 -2.95 10.92
N LEU A 343 -2.13 -1.77 10.73
CA LEU A 343 -1.06 -1.64 9.76
C LEU A 343 0.23 -2.31 10.24
N ARG A 344 0.41 -2.48 11.55
CA ARG A 344 1.54 -3.27 12.04
C ARG A 344 1.36 -4.74 11.70
N LEU A 345 0.17 -5.29 11.97
CA LEU A 345 -0.07 -6.69 11.64
C LEU A 345 -0.07 -6.91 10.14
N PHE A 346 -0.55 -5.95 9.37
CA PHE A 346 -0.81 -6.13 7.95
C PHE A 346 -0.25 -4.95 7.16
N PRO A 347 1.09 -4.81 7.11
CA PRO A 347 1.67 -3.77 6.24
C PRO A 347 1.62 -4.22 4.79
N VAL A 348 0.60 -3.76 4.06
CA VAL A 348 0.21 -4.42 2.82
C VAL A 348 1.28 -4.37 1.73
N ALA A 349 2.22 -3.43 1.81
CA ALA A 349 3.29 -3.41 0.80
C ALA A 349 4.39 -4.43 1.09
N ILE A 350 4.39 -5.03 2.29
CA ILE A 350 5.29 -6.11 2.72
C ILE A 350 6.72 -5.67 2.97
N ARG A 351 7.28 -4.83 2.09
CA ARG A 351 8.68 -4.45 2.22
C ARG A 351 8.90 -3.14 1.45
N LEU A 352 10.01 -2.47 1.78
CA LEU A 352 10.51 -1.32 1.04
C LEU A 352 11.73 -1.73 0.22
N GLU A 353 11.88 -1.12 -0.96
CA GLU A 353 12.88 -1.51 -1.94
C GLU A 353 13.57 -0.27 -2.49
N ARG A 354 14.90 -0.34 -2.56
CA ARG A 354 15.73 0.71 -3.15
C ARG A 354 16.85 0.06 -3.95
N THR A 355 17.23 0.71 -5.04
CA THR A 355 18.34 0.27 -5.87
C THR A 355 19.57 1.14 -5.61
N CYS A 356 20.75 0.51 -5.57
CA CYS A 356 22.02 1.22 -5.50
C CYS A 356 22.33 1.76 -6.89
N LYS A 357 22.14 3.07 -7.09
CA LYS A 357 22.46 3.63 -8.39
C LYS A 357 23.95 3.74 -8.65
N LYS A 358 24.79 3.49 -7.63
CA LYS A 358 26.23 3.35 -7.81
C LYS A 358 26.76 2.41 -6.73
N ASP A 359 28.04 2.07 -6.83
CA ASP A 359 28.69 1.27 -5.80
C ASP A 359 28.62 1.99 -4.46
N VAL A 360 28.33 1.24 -3.39
CA VAL A 360 28.11 1.84 -2.09
C VAL A 360 28.51 0.85 -1.00
N GLU A 361 29.04 1.39 0.09
CA GLU A 361 29.33 0.63 1.30
C GLU A 361 28.17 0.79 2.27
N ILE A 362 27.53 -0.32 2.60
CA ILE A 362 26.35 -0.34 3.48
C ILE A 362 26.75 -1.11 4.73
N ASN A 363 27.05 -0.39 5.81
CA ASN A 363 27.46 -0.98 7.08
C ASN A 363 28.58 -2.00 6.88
N GLY A 364 29.69 -1.52 6.33
CA GLY A 364 30.87 -2.34 6.13
C GLY A 364 30.81 -3.32 4.98
N VAL A 365 29.73 -3.33 4.21
CA VAL A 365 29.53 -4.28 3.11
C VAL A 365 29.60 -3.50 1.80
N PHE A 366 30.49 -3.93 0.90
CA PHE A 366 30.60 -3.31 -0.42
C PHE A 366 29.56 -3.91 -1.35
N ILE A 367 28.63 -3.08 -1.79
CA ILE A 367 27.47 -3.51 -2.57
C ILE A 367 27.58 -2.91 -3.97
N PRO A 368 27.48 -3.72 -5.02
CA PRO A 368 27.69 -3.21 -6.37
C PRO A 368 26.50 -2.43 -6.90
N LYS A 369 26.81 -1.55 -7.86
CA LYS A 369 25.78 -0.73 -8.50
C LYS A 369 24.71 -1.62 -9.13
N GLY A 370 23.45 -1.22 -8.97
CA GLY A 370 22.34 -1.97 -9.51
C GLY A 370 21.74 -3.00 -8.55
N SER A 371 22.44 -3.34 -7.47
CA SER A 371 21.89 -4.20 -6.45
C SER A 371 20.68 -3.55 -5.78
N MET A 372 19.81 -4.39 -5.23
CA MET A 372 18.62 -3.93 -4.53
C MET A 372 18.81 -4.09 -3.03
N VAL A 373 18.32 -3.11 -2.28
CA VAL A 373 18.34 -3.14 -0.81
C VAL A 373 16.91 -3.24 -0.34
N VAL A 374 16.65 -4.16 0.58
CA VAL A 374 15.30 -4.46 1.03
C VAL A 374 15.19 -4.13 2.52
N ILE A 375 14.14 -3.41 2.89
CA ILE A 375 13.76 -3.19 4.29
C ILE A 375 12.54 -4.06 4.56
N PRO A 376 12.68 -5.18 5.28
CA PRO A 376 11.57 -6.16 5.34
C PRO A 376 10.50 -5.78 6.37
N THR A 377 9.64 -4.84 5.95
CA THR A 377 8.64 -4.24 6.84
C THR A 377 7.84 -5.30 7.58
N TYR A 378 7.26 -6.26 6.86
CA TYR A 378 6.45 -7.28 7.51
C TYR A 378 7.26 -8.03 8.56
N ALA A 379 8.49 -8.43 8.22
CA ALA A 379 9.31 -9.16 9.20
C ALA A 379 9.60 -8.31 10.42
N LEU A 380 9.91 -7.02 10.23
CA LEU A 380 10.21 -6.17 11.38
C LEU A 380 8.96 -5.85 12.19
N HIS A 381 7.78 -5.85 11.55
CA HIS A 381 6.54 -5.60 12.28
C HIS A 381 6.11 -6.78 13.14
N HIS A 382 6.58 -7.99 12.84
CA HIS A 382 6.25 -9.18 13.61
C HIS A 382 7.43 -9.67 14.47
N ASP A 383 8.41 -8.80 14.70
CA ASP A 383 9.63 -9.18 15.41
C ASP A 383 9.42 -9.15 16.91
N PRO A 384 9.55 -10.28 17.61
CA PRO A 384 9.42 -10.28 19.07
C PRO A 384 10.48 -9.44 19.78
N LYS A 385 11.54 -9.01 19.09
CA LYS A 385 12.55 -8.16 19.72
C LYS A 385 12.11 -6.72 19.87
N TYR A 386 11.05 -6.30 19.18
CA TYR A 386 10.51 -4.95 19.25
C TYR A 386 9.07 -4.88 19.76
N TRP A 387 8.28 -5.93 19.58
CA TRP A 387 6.87 -5.93 19.94
C TRP A 387 6.58 -7.12 20.83
N THR A 388 6.16 -6.87 22.07
CA THR A 388 5.68 -7.95 22.90
C THR A 388 4.44 -8.56 22.27
N GLU A 389 4.32 -9.88 22.37
CA GLU A 389 3.23 -10.68 21.80
C GLU A 389 2.90 -10.21 20.37
N PRO A 390 3.86 -10.34 19.43
CA PRO A 390 3.72 -9.63 18.13
C PRO A 390 2.60 -10.16 17.26
N GLU A 391 2.15 -11.39 17.46
CA GLU A 391 1.02 -11.88 16.70
C GLU A 391 -0.32 -11.43 17.27
N GLU A 392 -0.34 -10.75 18.41
CA GLU A 392 -1.58 -10.31 19.04
C GLU A 392 -2.00 -8.92 18.59
N PHE A 393 -3.30 -8.74 18.39
CA PHE A 393 -3.87 -7.44 18.04
C PHE A 393 -4.05 -6.66 19.34
N ARG A 394 -3.13 -5.71 19.58
CA ARG A 394 -3.14 -4.91 20.81
C ARG A 394 -2.95 -3.45 20.42
N PRO A 395 -4.04 -2.69 20.27
CA PRO A 395 -3.89 -1.28 19.89
C PRO A 395 -3.11 -0.46 20.89
N GLU A 396 -3.11 -0.86 22.17
CA GLU A 396 -2.44 -0.10 23.22
C GLU A 396 -0.96 0.13 22.95
N ARG A 397 -0.35 -0.66 22.04
CA ARG A 397 1.06 -0.44 21.68
C ARG A 397 1.28 1.00 21.23
N PHE A 398 0.29 1.57 20.54
CA PHE A 398 0.39 2.88 19.92
C PHE A 398 -0.20 3.99 20.78
N SER A 399 -0.41 3.74 22.07
CA SER A 399 -0.79 4.80 22.98
C SER A 399 0.30 5.87 23.00
N LYS A 400 -0.10 7.13 22.88
CA LYS A 400 0.86 8.23 22.91
C LYS A 400 1.47 8.44 24.29
N LYS A 401 1.00 7.73 25.31
CA LYS A 401 1.65 7.75 26.61
C LYS A 401 2.96 6.97 26.59
N LYS A 402 3.05 5.92 25.76
CA LYS A 402 4.23 5.09 25.70
C LYS A 402 5.35 5.76 24.92
N ASP A 403 6.56 5.19 25.03
CA ASP A 403 7.69 5.66 24.27
C ASP A 403 7.36 5.71 22.77
N SER A 404 8.03 6.60 22.06
CA SER A 404 7.80 6.74 20.63
C SER A 404 8.16 5.44 19.91
N ILE A 405 7.48 5.20 18.80
CA ILE A 405 7.73 4.05 17.96
C ILE A 405 8.85 4.42 16.99
N ASP A 406 9.89 3.59 16.93
CA ASP A 406 10.99 3.78 15.98
C ASP A 406 10.45 3.83 14.55
N PRO A 407 10.61 4.96 13.83
CA PRO A 407 10.01 5.07 12.49
C PRO A 407 10.67 4.22 11.43
N TYR A 408 11.78 3.57 11.75
CA TYR A 408 12.47 2.69 10.80
C TYR A 408 12.13 1.23 11.02
N ILE A 409 11.57 0.88 12.16
CA ILE A 409 10.99 -0.44 12.37
C ILE A 409 9.55 -0.49 11.88
N TYR A 410 8.74 0.49 12.27
CA TYR A 410 7.35 0.61 11.83
C TYR A 410 7.31 1.43 10.55
N THR A 411 7.12 0.77 9.40
CA THR A 411 7.18 1.44 8.10
C THR A 411 6.04 1.02 7.16
N PRO A 412 4.78 1.06 7.60
CA PRO A 412 3.69 0.69 6.68
C PRO A 412 3.56 1.63 5.50
N PHE A 413 4.03 2.87 5.63
CA PHE A 413 4.01 3.84 4.56
C PHE A 413 5.42 4.24 4.12
N GLY A 414 6.43 3.53 4.59
CA GLY A 414 7.80 3.93 4.31
C GLY A 414 8.24 5.08 5.19
N THR A 415 9.44 5.59 4.88
CA THR A 415 10.04 6.71 5.57
C THR A 415 11.00 7.39 4.61
N GLY A 416 11.28 8.67 4.87
CA GLY A 416 12.22 9.42 4.07
C GLY A 416 11.58 10.07 2.86
N PRO A 417 12.42 10.67 2.00
CA PRO A 417 11.88 11.45 0.87
C PRO A 417 11.00 10.67 -0.09
N ARG A 418 11.09 9.34 -0.10
CA ARG A 418 10.32 8.54 -1.03
C ARG A 418 9.26 7.70 -0.31
N ASN A 419 8.70 8.22 0.78
CA ASN A 419 7.60 7.54 1.47
C ASN A 419 6.30 7.73 0.68
N CYS A 420 5.22 7.11 1.17
CA CYS A 420 3.91 7.23 0.55
C CYS A 420 3.43 8.67 0.57
N ILE A 421 3.26 9.26 -0.62
CA ILE A 421 2.83 10.65 -0.65
C ILE A 421 1.35 10.80 -0.28
N GLY A 422 0.55 9.75 -0.44
CA GLY A 422 -0.87 9.82 -0.12
C GLY A 422 -1.21 9.38 1.29
N MET A 423 -0.21 9.23 2.17
CA MET A 423 -0.42 8.61 3.47
C MET A 423 -1.49 9.35 4.27
N ARG A 424 -1.34 10.66 4.45
CA ARG A 424 -2.35 11.42 5.19
C ARG A 424 -3.73 11.21 4.60
N PHE A 425 -3.86 11.29 3.27
CA PHE A 425 -5.16 11.11 2.63
C PHE A 425 -5.71 9.72 2.89
N ALA A 426 -4.85 8.71 2.85
CA ALA A 426 -5.31 7.33 3.00
C ALA A 426 -5.81 7.07 4.42
N LEU A 427 -5.10 7.60 5.41
CA LEU A 427 -5.58 7.48 6.79
C LEU A 427 -6.93 8.18 6.96
N MET A 428 -7.04 9.41 6.44
CA MET A 428 -8.30 10.13 6.58
C MET A 428 -9.46 9.37 5.95
N ASN A 429 -9.26 8.89 4.72
CA ASN A 429 -10.28 8.09 4.04
C ASN A 429 -10.70 6.89 4.87
N MET A 430 -9.72 6.13 5.39
CA MET A 430 -10.04 4.94 6.16
C MET A 430 -10.73 5.30 7.46
N LYS A 431 -10.29 6.36 8.13
CA LYS A 431 -10.95 6.74 9.38
C LYS A 431 -12.40 7.15 9.14
N LEU A 432 -12.65 7.90 8.06
CA LEU A 432 -14.01 8.31 7.76
C LEU A 432 -14.90 7.11 7.49
N ALA A 433 -14.38 6.12 6.75
CA ALA A 433 -15.15 4.90 6.52
C ALA A 433 -15.44 4.17 7.82
N LEU A 434 -14.41 3.98 8.65
CA LEU A 434 -14.57 3.19 9.87
C LEU A 434 -15.53 3.88 10.83
N ILE A 435 -15.45 5.21 10.91
CA ILE A 435 -16.36 5.95 11.78
C ILE A 435 -17.81 5.70 11.37
N ARG A 436 -18.11 5.89 10.10
CA ARG A 436 -19.51 5.83 9.66
C ARG A 436 -20.09 4.42 9.79
N VAL A 437 -19.30 3.38 9.50
CA VAL A 437 -19.88 2.04 9.60
C VAL A 437 -20.01 1.62 11.06
N LEU A 438 -19.05 1.98 11.90
CA LEU A 438 -19.13 1.60 13.31
C LEU A 438 -20.20 2.40 14.03
N GLN A 439 -20.51 3.62 13.55
CA GLN A 439 -21.63 4.37 14.08
C GLN A 439 -22.94 3.63 13.86
N ASN A 440 -23.04 2.86 12.78
CA ASN A 440 -24.31 2.27 12.40
C ASN A 440 -24.35 0.75 12.57
N PHE A 441 -23.21 0.09 12.67
CA PHE A 441 -23.19 -1.35 12.63
C PHE A 441 -22.19 -1.91 13.64
N SER A 442 -22.40 -3.18 13.97
CA SER A 442 -21.44 -3.98 14.72
C SER A 442 -21.06 -5.20 13.89
N PHE A 443 -19.83 -5.66 14.09
CA PHE A 443 -19.23 -6.70 13.26
C PHE A 443 -18.83 -7.87 14.14
N LYS A 444 -19.30 -9.06 13.79
CA LYS A 444 -18.98 -10.28 14.52
C LYS A 444 -18.67 -11.38 13.52
N PRO A 445 -17.95 -12.41 13.94
CA PRO A 445 -17.65 -13.51 13.02
C PRO A 445 -18.83 -14.47 12.91
N CYS A 446 -18.80 -15.26 11.84
CA CYS A 446 -19.78 -16.33 11.63
C CYS A 446 -19.03 -17.60 11.27
N LYS A 447 -19.81 -18.67 11.04
CA LYS A 447 -19.21 -19.97 10.77
C LYS A 447 -18.32 -19.93 9.53
N GLU A 448 -18.62 -19.07 8.56
CA GLU A 448 -17.82 -18.97 7.35
C GLU A 448 -16.59 -18.09 7.50
N THR A 449 -16.42 -17.41 8.64
CA THR A 449 -15.24 -16.58 8.83
C THR A 449 -14.01 -17.47 9.07
N GLN A 450 -12.96 -17.26 8.27
CA GLN A 450 -11.70 -17.94 8.52
C GLN A 450 -11.05 -17.33 9.76
N ILE A 451 -10.81 -18.16 10.77
CA ILE A 451 -10.15 -17.73 12.00
C ILE A 451 -9.20 -18.82 12.47
N PRO A 452 -7.88 -18.56 12.59
CA PRO A 452 -7.21 -17.29 12.24
C PRO A 452 -7.25 -16.99 10.75
N LEU A 453 -7.20 -15.71 10.39
CA LEU A 453 -7.06 -15.34 8.99
C LEU A 453 -5.72 -15.81 8.45
N LYS A 454 -5.73 -16.35 7.23
CA LYS A 454 -4.51 -16.72 6.53
C LYS A 454 -4.26 -15.78 5.37
N LEU A 455 -3.00 -15.41 5.19
CA LEU A 455 -2.61 -14.47 4.15
C LEU A 455 -2.37 -15.16 2.82
N ASP A 456 -2.61 -14.41 1.73
CA ASP A 456 -2.32 -14.85 0.38
C ASP A 456 -0.80 -14.85 0.15
N THR A 457 -0.39 -15.43 -0.99
CA THR A 457 1.03 -15.58 -1.29
C THR A 457 1.49 -14.71 -2.46
N GLN A 458 0.65 -13.77 -2.93
CA GLN A 458 1.00 -12.97 -4.09
C GLN A 458 0.60 -11.53 -3.88
N GLY A 459 1.46 -10.62 -4.35
CA GLY A 459 1.11 -9.21 -4.43
C GLY A 459 0.99 -8.56 -3.07
N LEU A 460 0.18 -7.50 -3.01
CA LEU A 460 -0.13 -6.87 -1.75
C LEU A 460 -0.84 -7.84 -0.81
N LEU A 461 -0.65 -7.62 0.48
CA LEU A 461 -1.25 -8.46 1.52
C LEU A 461 -2.76 -8.49 1.38
N GLN A 462 -3.33 -9.68 1.37
CA GLN A 462 -4.77 -9.88 1.41
C GLN A 462 -5.05 -11.28 1.92
N PRO A 463 -6.25 -11.54 2.44
CA PRO A 463 -6.51 -12.85 3.04
C PRO A 463 -6.59 -13.93 1.96
N GLU A 464 -6.21 -15.15 2.38
CA GLU A 464 -6.30 -16.29 1.48
C GLU A 464 -7.74 -16.55 1.05
N LYS A 465 -8.69 -16.36 1.96
CA LYS A 465 -10.11 -16.43 1.68
C LYS A 465 -10.75 -15.09 1.99
N PRO A 466 -11.70 -14.63 1.17
CA PRO A 466 -12.31 -13.31 1.42
C PRO A 466 -12.92 -13.23 2.81
N ILE A 467 -12.64 -12.12 3.48
CA ILE A 467 -13.21 -11.87 4.81
C ILE A 467 -14.71 -11.71 4.68
N VAL A 468 -15.46 -12.55 5.39
CA VAL A 468 -16.91 -12.45 5.50
C VAL A 468 -17.26 -12.32 6.97
N LEU A 469 -18.27 -11.50 7.27
CA LEU A 469 -18.65 -11.22 8.65
C LEU A 469 -20.16 -11.03 8.74
N LYS A 470 -20.68 -11.22 9.96
CA LYS A 470 -22.05 -10.87 10.27
C LYS A 470 -22.09 -9.40 10.69
N VAL A 471 -22.98 -8.64 10.06
CA VAL A 471 -23.09 -7.20 10.28
C VAL A 471 -24.49 -6.92 10.81
N ASP A 472 -24.57 -6.35 12.01
CA ASP A 472 -25.83 -6.04 12.66
C ASP A 472 -25.93 -4.53 12.88
N SER A 473 -27.08 -3.96 12.57
CA SER A 473 -27.29 -2.54 12.77
C SER A 473 -27.58 -2.26 14.24
N ARG A 474 -27.12 -1.09 14.70
CA ARG A 474 -27.23 -0.73 16.10
C ARG A 474 -28.59 -0.15 16.47
N ASP A 475 -29.56 -0.20 15.57
CA ASP A 475 -30.91 0.30 15.86
C ASP A 475 -31.96 -0.79 15.72
CHA HEM B . 4.24 4.76 -1.93
CHB HEM B . 1.69 2.31 1.39
CHC HEM B . -2.38 4.71 0.03
CHD HEM B . 0.23 7.13 -3.25
C1A HEM B . 3.87 3.91 -0.91
C2A HEM B . 4.78 3.07 -0.25
C3A HEM B . 4.08 2.37 0.67
C4A HEM B . 2.73 2.78 0.61
CMA HEM B . 4.69 1.35 1.61
CAA HEM B . 6.27 2.95 -0.52
CBA HEM B . 7.11 4.09 0.08
CGA HEM B . 8.56 3.70 0.23
O1A HEM B . 9.24 4.03 1.24
O2A HEM B . 9.13 3.04 -0.67
C1B HEM B . 0.36 2.75 1.25
C2B HEM B . -0.69 2.20 2.03
C3B HEM B . -1.84 2.86 1.68
C4B HEM B . -1.45 3.85 0.64
CMB HEM B . -0.52 1.10 3.03
CAB HEM B . -3.22 2.66 2.19
CBB HEM B . -3.50 2.27 3.43
C1C HEM B . -2.01 5.61 -0.97
C2C HEM B . -2.87 6.55 -1.59
C3C HEM B . -2.11 7.25 -2.52
C4C HEM B . -0.79 6.71 -2.46
CMC HEM B . -4.33 6.74 -1.24
CAC HEM B . -2.50 8.32 -3.46
CBC HEM B . -3.17 9.41 -3.09
C1D HEM B . 1.52 6.61 -3.12
C2D HEM B . 2.57 7.07 -4.04
C3D HEM B . 3.69 6.42 -3.68
C4D HEM B . 3.31 5.57 -2.54
CMD HEM B . 2.41 8.05 -5.17
CAD HEM B . 5.05 6.57 -4.35
CBD HEM B . 5.88 7.66 -3.67
CGD HEM B . 7.10 8.11 -4.46
O1D HEM B . 7.40 9.31 -4.49
O2D HEM B . 7.83 7.30 -5.07
NA HEM B . 2.61 3.72 -0.38
NB HEM B . -0.12 3.73 0.45
NC HEM B . -0.76 5.73 -1.51
ND HEM B . 2.00 5.73 -2.24
FE HEM B . 1.03 4.85 -0.89
C1 GOL C . 7.02 -12.19 -8.12
O1 GOL C . 6.72 -13.48 -7.68
C2 GOL C . 7.32 -11.31 -6.88
O2 GOL C . 6.22 -11.23 -6.02
C3 GOL C . 7.76 -9.93 -7.46
O3 GOL C . 8.28 -9.17 -6.40
C1 GOL D . 5.97 -17.31 -8.15
O1 GOL D . 6.09 -16.11 -7.43
C2 GOL D . 7.23 -17.38 -9.07
O2 GOL D . 8.33 -16.82 -8.45
C3 GOL D . 7.44 -18.89 -9.41
O3 GOL D . 8.63 -18.99 -10.17
C1 GOL E . 4.33 1.93 -4.48
O1 GOL E . 5.59 1.83 -5.06
C2 GOL E . 4.03 0.57 -3.77
O2 GOL E . 5.04 0.21 -2.92
C3 GOL E . 2.70 0.78 -3.01
O3 GOL E . 2.00 -0.42 -3.05
#